data_7DC5
#
_entry.id   7DC5
#
_cell.length_a   57.122
_cell.length_b   62.991
_cell.length_c   101.210
_cell.angle_alpha   90.000
_cell.angle_beta   90.000
_cell.angle_gamma   90.000
#
_symmetry.space_group_name_H-M   'P 21 21 21'
#
loop_
_entity.id
_entity.type
_entity.pdbx_description
1 polymer 'Antifreeze protein'
2 non-polymer 'SULFATE ION'
3 water water
#
_entity_poly.entity_id   1
_entity_poly.type   'polypeptide(L)'
_entity_poly.pdbx_seq_one_letter_code
;AGPTAVPLGTAGNYAILASTAVSTVPQSAITGAVGISPAAGTFLTGFSLTMSGTGTFSTSTQVTGQLTAADYGTPTPSIL
TTAIGDMGTAYTNGATRSGPDFLEIYTGALGGTTLLPGLYKWTSSVGASADFTISGTSTDTWIFQIDGTLGLAAGKKITL
AGGAQAKNIIWVVAGAVSIEAGAQFEGVILAKTAVTLKTGSSLNGRILAQTSVALQSATVVQK
;
_entity_poly.pdbx_strand_id   A,B
#
loop_
_chem_comp.id
_chem_comp.type
_chem_comp.name
_chem_comp.formula
SO4 non-polymer 'SULFATE ION' 'O4 S -2'
#
# COMPACT_ATOMS: atom_id res chain seq x y z
N ALA A 1 -6.42 -5.98 32.23
CA ALA A 1 -6.85 -4.64 32.71
C ALA A 1 -7.64 -3.98 31.58
N GLY A 2 -8.59 -3.12 31.94
CA GLY A 2 -9.45 -2.39 31.00
C GLY A 2 -10.85 -2.97 30.97
N PRO A 3 -11.75 -2.32 30.26
CA PRO A 3 -13.17 -2.65 30.29
C PRO A 3 -13.43 -3.90 29.44
N THR A 4 -14.63 -4.48 29.62
CA THR A 4 -15.06 -5.66 28.86
C THR A 4 -15.17 -5.25 27.39
N ALA A 5 -14.92 -6.21 26.53
CA ALA A 5 -14.77 -5.98 25.09
C ALA A 5 -16.12 -5.57 24.51
N VAL A 6 -16.03 -4.80 23.44
CA VAL A 6 -17.19 -4.44 22.59
C VAL A 6 -17.21 -5.39 21.41
N PRO A 7 -18.00 -6.49 21.43
CA PRO A 7 -18.00 -7.38 20.27
C PRO A 7 -18.59 -6.68 19.05
N LEU A 8 -17.87 -6.76 17.95
CA LEU A 8 -18.26 -6.08 16.70
C LEU A 8 -19.17 -6.98 15.90
N GLY A 9 -19.32 -8.25 16.27
CA GLY A 9 -20.08 -9.17 15.41
C GLY A 9 -19.58 -9.10 13.99
N THR A 10 -20.51 -9.09 13.04
CA THR A 10 -20.11 -9.17 11.60
C THR A 10 -19.54 -7.82 11.16
N ALA A 11 -19.65 -6.77 11.97
CA ALA A 11 -19.03 -5.51 11.59
C ALA A 11 -17.50 -5.74 11.59
N GLY A 12 -17.01 -6.74 12.36
CA GLY A 12 -15.59 -7.12 12.41
C GLY A 12 -15.11 -7.81 11.15
N ASN A 13 -15.96 -7.95 10.14
CA ASN A 13 -15.60 -8.50 8.81
C ASN A 13 -15.15 -7.40 7.83
N TYR A 14 -15.15 -6.14 8.24
CA TYR A 14 -14.90 -4.99 7.34
C TYR A 14 -13.74 -4.16 7.85
N ALA A 15 -12.86 -3.72 6.96
CA ALA A 15 -11.95 -2.59 7.23
C ALA A 15 -12.77 -1.31 7.31
N ILE A 16 -13.77 -1.16 6.45
CA ILE A 16 -14.61 0.06 6.38
C ILE A 16 -16.03 -0.43 6.20
N LEU A 17 -16.90 0.01 7.07
CA LEU A 17 -18.36 -0.21 6.97
C LEU A 17 -18.98 1.17 7.17
N ALA A 18 -19.82 1.61 6.26
CA ALA A 18 -20.48 2.91 6.31
C ALA A 18 -21.94 2.74 5.86
N SER A 19 -22.72 3.77 6.08
CA SER A 19 -24.17 3.77 5.79
C SER A 19 -24.55 4.75 4.68
N THR A 20 -23.88 5.88 4.54
CA THR A 20 -24.33 6.92 3.57
C THR A 20 -23.37 7.02 2.39
N ALA A 21 -22.06 6.93 2.60
CA ALA A 21 -21.08 7.11 1.52
C ALA A 21 -19.72 6.62 1.95
N VAL A 22 -18.92 6.19 1.01
CA VAL A 22 -17.45 6.03 1.18
C VAL A 22 -16.82 6.67 -0.04
N SER A 23 -15.96 7.66 0.14
CA SER A 23 -15.22 8.31 -0.97
C SER A 23 -13.74 8.02 -0.79
N THR A 24 -13.01 7.97 -1.89
CA THR A 24 -11.53 7.88 -1.86
C THR A 24 -10.96 8.80 -2.95
N VAL A 25 -9.91 9.55 -2.61
CA VAL A 25 -8.99 10.19 -3.59
C VAL A 25 -7.85 9.20 -3.80
N PRO A 26 -7.65 8.66 -5.00
CA PRO A 26 -6.62 7.64 -5.21
C PRO A 26 -5.24 8.21 -4.87
N GLN A 27 -4.33 7.36 -4.36
CA GLN A 27 -4.46 5.92 -4.27
C GLN A 27 -4.49 5.52 -2.78
N SER A 28 -5.66 5.19 -2.26
CA SER A 28 -5.83 4.61 -0.91
C SER A 28 -5.34 3.17 -0.95
N ALA A 29 -5.02 2.63 0.21
CA ALA A 29 -4.48 1.28 0.37
C ALA A 29 -5.24 0.68 1.53
N ILE A 30 -6.36 0.01 1.21
CA ILE A 30 -7.26 -0.62 2.22
C ILE A 30 -7.03 -2.11 2.24
N THR A 31 -6.73 -2.65 3.40
CA THR A 31 -6.64 -4.11 3.59
C THR A 31 -7.85 -4.56 4.38
N GLY A 32 -8.79 -5.17 3.67
CA GLY A 32 -10.05 -5.66 4.22
C GLY A 32 -11.21 -5.20 3.36
N ALA A 33 -12.37 -5.69 3.70
CA ALA A 33 -13.62 -5.40 2.98
C ALA A 33 -14.08 -3.97 3.25
N VAL A 34 -14.81 -3.48 2.28
CA VAL A 34 -15.49 -2.18 2.36
C VAL A 34 -16.95 -2.50 2.08
N GLY A 35 -17.83 -2.13 2.98
CA GLY A 35 -19.28 -2.34 2.85
C GLY A 35 -20.02 -1.04 3.07
N ILE A 36 -21.09 -0.87 2.31
CA ILE A 36 -21.96 0.30 2.43
C ILE A 36 -23.42 -0.18 2.45
N SER A 37 -24.18 0.29 3.41
CA SER A 37 -25.62 0.00 3.48
C SER A 37 -26.25 0.88 4.53
N PRO A 38 -27.46 1.39 4.31
CA PRO A 38 -28.31 0.98 3.19
C PRO A 38 -28.12 1.74 1.86
N ALA A 39 -27.15 2.65 1.78
CA ALA A 39 -26.85 3.31 0.48
C ALA A 39 -26.30 2.29 -0.53
N ALA A 40 -26.51 2.57 -1.81
CA ALA A 40 -26.11 1.77 -2.98
C ALA A 40 -24.63 1.96 -3.30
N GLY A 41 -24.11 1.12 -4.20
CA GLY A 41 -22.68 1.17 -4.56
C GLY A 41 -22.29 2.45 -5.25
N THR A 42 -23.25 3.16 -5.84
CA THR A 42 -23.01 4.46 -6.48
C THR A 42 -22.57 5.48 -5.45
N PHE A 43 -22.68 5.16 -4.15
CA PHE A 43 -22.18 6.05 -3.07
C PHE A 43 -20.78 5.61 -2.61
N LEU A 44 -20.21 4.59 -3.26
CA LEU A 44 -18.75 4.29 -3.17
C LEU A 44 -18.14 5.06 -4.33
N THR A 45 -17.36 6.10 -4.06
CA THR A 45 -16.83 6.95 -5.14
C THR A 45 -15.31 7.03 -5.07
N GLY A 46 -14.67 7.12 -6.22
CA GLY A 46 -13.21 7.22 -6.40
C GLY A 46 -12.51 5.88 -6.45
N PHE A 47 -13.25 4.79 -6.33
CA PHE A 47 -12.65 3.42 -6.26
C PHE A 47 -12.35 2.85 -7.66
N SER A 48 -12.87 3.43 -8.74
CA SER A 48 -12.79 2.83 -10.09
CA SER A 48 -12.78 2.84 -10.09
C SER A 48 -13.19 1.35 -9.98
N LEU A 49 -14.41 1.13 -9.52
CA LEU A 49 -14.91 -0.23 -9.22
C LEU A 49 -14.98 -1.09 -10.47
N THR A 50 -14.78 -2.40 -10.24
CA THR A 50 -15.07 -3.44 -11.24
C THR A 50 -16.05 -4.40 -10.57
N MET A 51 -17.25 -4.53 -11.12
CA MET A 51 -18.25 -5.49 -10.63
C MET A 51 -17.78 -6.89 -11.04
N SER A 52 -17.72 -7.79 -10.10
CA SER A 52 -17.23 -9.18 -10.33
C SER A 52 -18.33 -10.02 -11.00
N GLY A 53 -18.00 -11.25 -11.39
CA GLY A 53 -18.87 -12.02 -12.27
C GLY A 53 -20.25 -12.29 -11.67
N THR A 54 -20.35 -12.57 -10.36
CA THR A 54 -21.64 -12.91 -9.73
C THR A 54 -22.55 -11.69 -9.63
N GLY A 55 -22.01 -10.46 -9.73
CA GLY A 55 -22.76 -9.22 -9.44
C GLY A 55 -22.99 -8.97 -7.96
N THR A 56 -22.33 -9.72 -7.07
CA THR A 56 -22.60 -9.61 -5.59
C THR A 56 -21.52 -8.78 -4.89
N PHE A 57 -20.38 -8.54 -5.54
CA PHE A 57 -19.30 -7.71 -4.97
C PHE A 57 -18.46 -7.12 -6.08
N SER A 58 -17.78 -6.02 -5.75
CA SER A 58 -16.93 -5.32 -6.73
C SER A 58 -15.51 -5.27 -6.17
N THR A 59 -14.58 -4.81 -7.02
CA THR A 59 -13.16 -4.72 -6.66
C THR A 59 -12.65 -3.34 -7.05
N SER A 60 -11.56 -2.98 -6.38
CA SER A 60 -10.83 -1.74 -6.61
C SER A 60 -9.35 -2.05 -6.41
N THR A 61 -8.51 -1.44 -7.22
CA THR A 61 -7.04 -1.57 -6.98
C THR A 61 -6.68 -0.92 -5.65
N GLN A 62 -7.55 -0.06 -5.09
CA GLN A 62 -7.28 0.56 -3.76
C GLN A 62 -7.68 -0.35 -2.60
N VAL A 63 -8.23 -1.56 -2.86
CA VAL A 63 -8.75 -2.49 -1.81
C VAL A 63 -8.23 -3.89 -1.99
N THR A 64 -7.62 -4.45 -0.96
CA THR A 64 -7.31 -5.89 -0.88
C THR A 64 -8.47 -6.49 -0.11
N GLY A 65 -9.41 -7.07 -0.84
CA GLY A 65 -10.71 -7.50 -0.33
C GLY A 65 -11.83 -7.10 -1.26
N GLN A 66 -13.06 -7.38 -0.86
CA GLN A 66 -14.25 -7.12 -1.68
C GLN A 66 -14.97 -5.83 -1.24
N LEU A 67 -15.52 -5.11 -2.22
CA LEU A 67 -16.48 -4.07 -1.84
C LEU A 67 -17.86 -4.62 -2.04
N THR A 68 -18.76 -4.23 -1.17
CA THR A 68 -20.19 -4.61 -1.24
C THR A 68 -21.07 -3.43 -0.92
N ALA A 69 -22.26 -3.41 -1.53
CA ALA A 69 -23.24 -2.34 -1.36
C ALA A 69 -24.64 -2.92 -1.32
N ALA A 70 -25.57 -2.16 -0.74
CA ALA A 70 -26.95 -2.55 -0.47
C ALA A 70 -27.69 -2.98 -1.76
N ASP A 71 -27.29 -2.47 -2.94
CA ASP A 71 -27.99 -2.72 -4.22
C ASP A 71 -27.39 -3.94 -4.92
N TYR A 72 -26.30 -4.47 -4.45
CA TYR A 72 -25.64 -5.65 -5.09
C TYR A 72 -26.52 -6.90 -4.97
N GLY A 73 -26.17 -7.90 -5.76
CA GLY A 73 -26.94 -9.14 -5.91
C GLY A 73 -27.07 -9.90 -4.59
N THR A 74 -28.21 -10.54 -4.41
CA THR A 74 -28.46 -11.53 -3.33
C THR A 74 -27.24 -12.44 -3.25
N PRO A 75 -26.66 -12.69 -2.05
CA PRO A 75 -27.19 -12.31 -0.75
C PRO A 75 -26.53 -11.11 -0.09
N THR A 76 -25.83 -10.28 -0.88
CA THR A 76 -25.03 -9.14 -0.36
C THR A 76 -25.92 -8.16 0.43
N PRO A 77 -27.16 -7.83 0.01
CA PRO A 77 -27.96 -6.88 0.80
C PRO A 77 -28.20 -7.43 2.21
N SER A 78 -28.55 -8.72 2.31
CA SER A 78 -28.86 -9.33 3.62
C SER A 78 -27.58 -9.31 4.46
N ILE A 79 -26.45 -9.66 3.88
CA ILE A 79 -25.17 -9.68 4.63
C ILE A 79 -24.99 -8.30 5.24
N LEU A 80 -25.12 -7.27 4.43
CA LEU A 80 -24.84 -5.89 4.89
C LEU A 80 -25.86 -5.44 5.92
N THR A 81 -27.13 -5.82 5.80
CA THR A 81 -28.08 -5.38 6.85
C THR A 81 -27.60 -5.97 8.18
N THR A 82 -27.12 -7.20 8.20
CA THR A 82 -26.70 -7.78 9.49
C THR A 82 -25.44 -7.06 10.01
N ALA A 83 -24.49 -6.74 9.14
CA ALA A 83 -23.26 -6.00 9.49
C ALA A 83 -23.64 -4.64 10.07
N ILE A 84 -24.54 -3.91 9.43
CA ILE A 84 -24.93 -2.55 9.88
C ILE A 84 -25.58 -2.66 11.28
N GLY A 85 -26.43 -3.67 11.46
CA GLY A 85 -27.06 -4.00 12.76
C GLY A 85 -26.01 -4.25 13.82
N ASP A 86 -25.01 -5.08 13.50
CA ASP A 86 -23.92 -5.42 14.43
C ASP A 86 -23.09 -4.17 14.75
N MET A 87 -22.82 -3.32 13.77
CA MET A 87 -22.15 -2.02 14.03
C MET A 87 -23.00 -1.22 15.03
N GLY A 88 -24.31 -1.12 14.82
CA GLY A 88 -25.17 -0.29 15.70
C GLY A 88 -25.15 -0.85 17.12
N THR A 89 -25.31 -2.16 17.25
CA THR A 89 -25.19 -2.82 18.58
C THR A 89 -23.87 -2.43 19.25
N ALA A 90 -22.77 -2.59 18.51
CA ALA A 90 -21.40 -2.32 19.02
C ALA A 90 -21.29 -0.87 19.48
N TYR A 91 -21.70 0.08 18.66
CA TYR A 91 -21.60 1.51 19.00
C TYR A 91 -22.37 1.78 20.31
N THR A 92 -23.60 1.27 20.40
CA THR A 92 -24.46 1.51 21.59
C THR A 92 -23.83 0.84 22.82
N ASN A 93 -23.33 -0.39 22.65
CA ASN A 93 -22.64 -1.10 23.77
C ASN A 93 -21.51 -0.20 24.28
N GLY A 94 -20.69 0.39 23.40
CA GLY A 94 -19.52 1.15 23.84
C GLY A 94 -19.94 2.50 24.38
N ALA A 95 -20.96 3.09 23.79
CA ALA A 95 -21.35 4.46 24.18
C ALA A 95 -22.02 4.42 25.55
N THR A 96 -22.67 3.33 25.92
CA THR A 96 -23.53 3.32 27.13
C THR A 96 -22.80 2.65 28.30
N ARG A 97 -21.54 2.25 28.18
CA ARG A 97 -20.74 1.63 29.27
CA ARG A 97 -20.83 1.58 29.31
C ARG A 97 -20.66 2.63 30.44
N SER A 98 -20.92 2.20 31.67
CA SER A 98 -20.92 3.11 32.85
CA SER A 98 -20.91 3.13 32.83
C SER A 98 -19.62 2.95 33.64
N GLY A 99 -19.34 3.91 34.51
CA GLY A 99 -18.28 3.79 35.52
C GLY A 99 -16.92 3.94 34.87
N PRO A 100 -16.64 5.10 34.22
CA PRO A 100 -15.34 5.31 33.58
C PRO A 100 -14.17 5.33 34.59
N ASP A 101 -13.04 4.78 34.17
CA ASP A 101 -11.75 4.85 34.91
C ASP A 101 -11.14 6.25 34.83
N PHE A 102 -11.49 7.02 33.80
CA PHE A 102 -10.93 8.35 33.52
C PHE A 102 -12.09 9.23 33.08
N LEU A 103 -12.22 10.42 33.63
CA LEU A 103 -13.35 11.29 33.28
C LEU A 103 -12.78 12.69 32.94
N GLU A 104 -12.88 13.09 31.69
CA GLU A 104 -12.40 14.42 31.21
C GLU A 104 -10.87 14.49 31.30
N ILE A 105 -10.21 13.35 31.20
CA ILE A 105 -8.75 13.26 31.48
C ILE A 105 -8.04 14.23 30.50
N TYR A 106 -7.23 15.14 31.02
CA TYR A 106 -6.38 16.09 30.26
C TYR A 106 -7.25 16.98 29.36
N THR A 107 -8.52 17.12 29.70
CA THR A 107 -9.47 17.96 28.93
C THR A 107 -9.46 17.45 27.48
N GLY A 108 -9.24 16.15 27.28
CA GLY A 108 -9.34 15.58 25.93
C GLY A 108 -8.16 15.94 25.05
N ALA A 109 -7.08 16.50 25.61
CA ALA A 109 -5.84 16.79 24.87
C ALA A 109 -4.90 15.62 25.10
N LEU A 110 -4.75 14.72 24.13
CA LEU A 110 -4.04 13.45 24.35
C LEU A 110 -2.56 13.56 23.93
N GLY A 111 -2.16 14.66 23.32
CA GLY A 111 -0.76 14.82 22.86
C GLY A 111 0.22 14.55 23.99
N GLY A 112 1.24 13.73 23.73
CA GLY A 112 2.34 13.47 24.68
C GLY A 112 1.95 12.51 25.79
N THR A 113 0.74 11.96 25.78
CA THR A 113 0.28 11.13 26.90
C THR A 113 0.70 9.70 26.64
N THR A 114 0.60 8.92 27.69
CA THR A 114 0.71 7.45 27.67
C THR A 114 -0.54 6.92 28.38
N LEU A 115 -1.46 6.35 27.62
CA LEU A 115 -2.81 5.98 28.10
C LEU A 115 -2.83 4.54 28.56
N LEU A 116 -3.14 4.37 29.84
CA LEU A 116 -3.21 3.01 30.42
C LEU A 116 -4.59 2.42 30.17
N PRO A 117 -4.71 1.09 30.27
CA PRO A 117 -5.99 0.42 30.02
C PRO A 117 -7.12 1.04 30.85
N GLY A 118 -8.27 1.24 30.21
CA GLY A 118 -9.45 1.68 30.96
C GLY A 118 -10.60 2.08 30.08
N LEU A 119 -11.72 2.43 30.73
CA LEU A 119 -12.85 3.13 30.08
C LEU A 119 -12.65 4.61 30.32
N TYR A 120 -12.55 5.37 29.26
CA TYR A 120 -12.33 6.82 29.26
C TYR A 120 -13.63 7.47 28.79
N LYS A 121 -14.12 8.44 29.54
CA LYS A 121 -15.29 9.25 29.10
C LYS A 121 -14.87 10.69 29.01
N TRP A 122 -15.16 11.30 27.89
CA TRP A 122 -15.10 12.77 27.74
C TRP A 122 -16.46 13.27 27.26
N THR A 123 -16.99 14.27 27.95
CA THR A 123 -18.23 14.95 27.56
C THR A 123 -17.80 16.10 26.64
N SER A 124 -16.77 15.84 25.84
CA SER A 124 -16.03 16.89 25.10
C SER A 124 -15.56 16.33 23.76
N SER A 125 -15.06 17.21 22.91
CA SER A 125 -14.16 16.81 21.81
C SER A 125 -12.87 16.27 22.40
N VAL A 126 -12.21 15.41 21.63
CA VAL A 126 -10.88 14.84 21.98
C VAL A 126 -9.98 15.04 20.76
N GLY A 127 -8.69 15.26 21.01
CA GLY A 127 -7.70 15.59 19.96
C GLY A 127 -6.31 15.29 20.46
N ALA A 128 -5.38 15.18 19.54
CA ALA A 128 -3.96 15.04 19.88
C ALA A 128 -3.18 15.93 18.92
N SER A 129 -2.44 16.88 19.46
CA SER A 129 -1.63 17.84 18.68
C SER A 129 -0.20 17.34 18.62
N ALA A 130 0.07 16.19 19.26
CA ALA A 130 1.40 15.57 19.35
C ALA A 130 1.21 14.04 19.46
N ASP A 131 2.21 13.28 19.09
CA ASP A 131 2.23 11.82 19.21
C ASP A 131 1.75 11.42 20.60
N PHE A 132 1.09 10.28 20.71
CA PHE A 132 0.83 9.72 22.05
C PHE A 132 0.85 8.22 21.92
N THR A 133 0.87 7.59 23.06
CA THR A 133 1.10 6.14 23.23
C THR A 133 -0.11 5.58 23.94
N ILE A 134 -0.46 4.36 23.56
CA ILE A 134 -1.46 3.54 24.27
C ILE A 134 -0.66 2.33 24.74
N SER A 135 -0.60 2.11 26.04
CA SER A 135 0.41 1.23 26.66
C SER A 135 -0.27 0.20 27.53
N GLY A 136 -0.07 -1.08 27.20
CA GLY A 136 -0.63 -2.17 27.99
C GLY A 136 -0.27 -3.48 27.31
N THR A 137 -0.74 -4.57 27.87
CA THR A 137 -0.40 -5.93 27.39
C THR A 137 -1.28 -6.25 26.18
N SER A 138 -0.99 -7.34 25.51
CA SER A 138 -1.75 -7.84 24.36
C SER A 138 -3.19 -8.22 24.76
N THR A 139 -3.49 -8.39 26.04
CA THR A 139 -4.89 -8.70 26.44
C THR A 139 -5.61 -7.51 27.13
N ASP A 140 -4.96 -6.37 27.30
CA ASP A 140 -5.58 -5.17 27.93
C ASP A 140 -6.52 -4.48 26.93
N THR A 141 -7.51 -3.75 27.44
CA THR A 141 -8.53 -3.07 26.62
C THR A 141 -8.60 -1.59 26.96
N TRP A 142 -8.99 -0.82 25.96
CA TRP A 142 -9.28 0.61 26.06
C TRP A 142 -10.64 0.82 25.40
N ILE A 143 -11.50 1.57 26.04
CA ILE A 143 -12.69 2.16 25.38
C ILE A 143 -12.64 3.66 25.65
N PHE A 144 -12.59 4.39 24.56
CA PHE A 144 -12.57 5.86 24.53
C PHE A 144 -13.95 6.42 24.13
N GLN A 145 -14.75 6.77 25.12
CA GLN A 145 -16.11 7.31 24.88
C GLN A 145 -15.99 8.82 24.66
N ILE A 146 -16.31 9.25 23.45
CA ILE A 146 -16.10 10.65 23.07
C ILE A 146 -17.45 11.27 22.64
N ASP A 147 -17.93 12.28 23.37
CA ASP A 147 -19.26 12.86 23.10
C ASP A 147 -19.11 13.84 21.94
N GLY A 148 -17.93 14.45 21.81
CA GLY A 148 -17.68 15.42 20.74
C GLY A 148 -16.95 14.81 19.56
N THR A 149 -16.20 15.66 18.86
CA THR A 149 -15.40 15.22 17.71
C THR A 149 -14.13 14.51 18.20
N LEU A 150 -13.51 13.69 17.34
CA LEU A 150 -12.16 13.14 17.55
C LEU A 150 -11.25 13.63 16.44
N GLY A 151 -10.10 14.19 16.79
CA GLY A 151 -9.07 14.47 15.80
C GLY A 151 -7.73 13.92 16.17
N LEU A 152 -6.89 13.79 15.16
CA LEU A 152 -5.45 13.52 15.28
C LEU A 152 -4.71 14.43 14.31
N ALA A 153 -3.80 15.25 14.82
CA ALA A 153 -3.22 16.37 14.06
C ALA A 153 -2.28 15.85 12.97
N ALA A 154 -2.08 16.69 11.94
CA ALA A 154 -1.32 16.37 10.73
C ALA A 154 0.04 15.79 11.15
N GLY A 155 0.37 14.62 10.61
CA GLY A 155 1.70 14.00 10.82
C GLY A 155 1.87 13.36 12.20
N LYS A 156 0.87 13.40 13.08
CA LYS A 156 1.00 12.86 14.45
C LYS A 156 0.57 11.39 14.50
N LYS A 157 1.11 10.65 15.43
CA LYS A 157 1.01 9.18 15.40
C LYS A 157 0.65 8.66 16.78
N ILE A 158 -0.13 7.60 16.77
CA ILE A 158 -0.42 6.79 17.99
C ILE A 158 0.48 5.56 18.00
N THR A 159 1.30 5.47 19.03
CA THR A 159 2.23 4.34 19.22
C THR A 159 1.58 3.37 20.17
N LEU A 160 1.73 2.08 19.88
CA LEU A 160 1.36 0.98 20.80
C LEU A 160 2.62 0.56 21.51
N ALA A 161 2.56 0.58 22.83
CA ALA A 161 3.63 0.11 23.74
C ALA A 161 3.10 -1.07 24.57
N GLY A 162 4.00 -1.94 25.00
CA GLY A 162 3.75 -3.01 25.98
C GLY A 162 3.12 -4.27 25.40
N GLY A 163 2.78 -4.26 24.12
CA GLY A 163 2.04 -5.34 23.44
C GLY A 163 0.57 -5.00 23.18
N ALA A 164 0.16 -3.76 23.44
CA ALA A 164 -1.22 -3.28 23.17
C ALA A 164 -1.56 -3.63 21.72
N GLN A 165 -2.80 -4.07 21.49
CA GLN A 165 -3.29 -4.39 20.12
C GLN A 165 -4.38 -3.41 19.71
N ALA A 166 -4.30 -2.94 18.47
CA ALA A 166 -5.31 -2.07 17.85
C ALA A 166 -6.70 -2.68 18.02
N LYS A 167 -6.84 -4.01 17.87
CA LYS A 167 -8.19 -4.60 17.88
C LYS A 167 -8.80 -4.53 19.29
N ASN A 168 -8.00 -4.17 20.29
CA ASN A 168 -8.40 -4.08 21.70
C ASN A 168 -8.66 -2.63 22.10
N ILE A 169 -8.60 -1.74 21.14
CA ILE A 169 -8.74 -0.30 21.38
C ILE A 169 -9.99 0.13 20.63
N ILE A 170 -10.96 0.66 21.32
CA ILE A 170 -12.27 1.04 20.72
C ILE A 170 -12.48 2.53 20.95
N TRP A 171 -12.56 3.27 19.88
CA TRP A 171 -12.95 4.69 19.92
C TRP A 171 -14.44 4.77 19.59
N VAL A 172 -15.23 5.19 20.55
CA VAL A 172 -16.70 5.28 20.38
C VAL A 172 -17.03 6.77 20.33
N VAL A 173 -17.19 7.29 19.14
CA VAL A 173 -17.20 8.76 18.87
C VAL A 173 -18.55 9.18 18.32
N ALA A 174 -19.25 10.05 19.04
CA ALA A 174 -20.54 10.64 18.62
C ALA A 174 -20.34 11.71 17.54
N GLY A 175 -19.39 12.61 17.74
CA GLY A 175 -19.01 13.64 16.77
C GLY A 175 -18.18 13.13 15.60
N ALA A 176 -17.92 13.99 14.66
CA ALA A 176 -17.15 13.70 13.44
C ALA A 176 -15.72 13.35 13.82
N VAL A 177 -15.16 12.37 13.11
CA VAL A 177 -13.76 11.95 13.31
C VAL A 177 -12.96 12.54 12.16
N SER A 178 -11.88 13.26 12.45
CA SER A 178 -10.99 13.84 11.43
CA SER A 178 -11.00 13.79 11.41
C SER A 178 -9.54 13.45 11.73
N ILE A 179 -8.97 12.59 10.90
CA ILE A 179 -7.56 12.13 11.02
C ILE A 179 -6.81 12.91 9.96
N GLU A 180 -5.95 13.81 10.39
CA GLU A 180 -5.35 14.84 9.50
C GLU A 180 -4.27 14.18 8.63
N ALA A 181 -3.83 14.92 7.63
CA ALA A 181 -2.89 14.44 6.58
C ALA A 181 -1.63 13.85 7.22
N GLY A 182 -1.23 12.64 6.80
CA GLY A 182 -0.01 11.98 7.26
C GLY A 182 -0.05 11.46 8.69
N ALA A 183 -1.18 11.56 9.38
CA ALA A 183 -1.32 11.08 10.76
C ALA A 183 -1.45 9.55 10.72
N GLN A 184 -1.11 8.89 11.82
CA GLN A 184 -1.15 7.40 11.95
C GLN A 184 -1.96 7.01 13.18
N PHE A 185 -3.12 6.42 12.95
CA PHE A 185 -4.10 6.14 14.00
C PHE A 185 -4.09 4.65 14.31
N GLU A 186 -4.44 4.34 15.55
CA GLU A 186 -4.53 2.94 16.02
C GLU A 186 -5.86 2.75 16.75
N GLY A 187 -6.61 1.73 16.35
CA GLY A 187 -7.87 1.39 17.01
C GLY A 187 -9.01 1.27 16.05
N VAL A 188 -10.03 0.64 16.58
CA VAL A 188 -11.35 0.49 15.94
C VAL A 188 -12.15 1.72 16.24
N ILE A 189 -12.69 2.35 15.19
CA ILE A 189 -13.52 3.55 15.36
C ILE A 189 -14.96 3.15 15.14
N LEU A 190 -15.75 3.26 16.18
CA LEU A 190 -17.22 3.16 16.09
C LEU A 190 -17.74 4.58 16.08
N ALA A 191 -18.04 5.07 14.90
CA ALA A 191 -18.38 6.48 14.70
C ALA A 191 -19.90 6.57 14.50
N LYS A 192 -20.52 7.50 15.20
CA LYS A 192 -21.98 7.76 15.04
C LYS A 192 -22.21 8.52 13.73
N THR A 193 -21.24 9.36 13.33
CA THR A 193 -21.40 10.19 12.12
C THR A 193 -20.18 9.94 11.22
N ALA A 194 -19.56 10.99 10.73
CA ALA A 194 -18.62 10.91 9.62
C ALA A 194 -17.26 10.54 10.17
N VAL A 195 -16.45 9.96 9.31
CA VAL A 195 -15.00 9.75 9.58
C VAL A 195 -14.27 10.23 8.33
N THR A 196 -13.18 10.95 8.55
CA THR A 196 -12.35 11.41 7.45
C THR A 196 -10.89 11.12 7.76
N LEU A 197 -10.20 10.57 6.78
CA LEU A 197 -8.75 10.31 6.80
C LEU A 197 -8.14 11.10 5.65
N LYS A 198 -7.36 12.13 5.97
CA LYS A 198 -6.84 13.04 4.94
C LYS A 198 -5.52 12.51 4.38
N THR A 199 -5.02 13.21 3.36
CA THR A 199 -3.95 12.78 2.42
C THR A 199 -2.83 12.02 3.14
N GLY A 200 -2.63 10.75 2.78
CA GLY A 200 -1.45 10.02 3.24
C GLY A 200 -1.54 9.62 4.71
N SER A 201 -2.73 9.72 5.32
CA SER A 201 -2.92 9.25 6.70
C SER A 201 -3.06 7.74 6.68
N SER A 202 -2.94 7.15 7.84
CA SER A 202 -3.08 5.68 7.98
CA SER A 202 -3.02 5.67 8.01
C SER A 202 -3.85 5.36 9.25
N LEU A 203 -4.43 4.16 9.27
CA LEU A 203 -5.22 3.68 10.41
C LEU A 203 -5.08 2.18 10.43
N ASN A 204 -4.68 1.67 11.59
CA ASN A 204 -4.65 0.22 11.88
C ASN A 204 -5.81 -0.01 12.84
N GLY A 205 -6.79 -0.82 12.45
CA GLY A 205 -8.07 -0.93 13.14
C GLY A 205 -9.16 -1.11 12.13
N ARG A 206 -10.27 -0.41 12.36
CA ARG A 206 -11.40 -0.50 11.41
C ARG A 206 -12.12 0.84 11.47
N ILE A 207 -12.87 1.14 10.45
CA ILE A 207 -13.69 2.37 10.41
C ILE A 207 -15.13 1.92 10.24
N LEU A 208 -15.88 2.01 11.31
CA LEU A 208 -17.29 1.56 11.39
C LEU A 208 -18.16 2.78 11.65
N ALA A 209 -18.58 3.43 10.58
CA ALA A 209 -19.21 4.75 10.61
C ALA A 209 -20.70 4.59 10.29
N GLN A 210 -21.57 5.19 11.08
CA GLN A 210 -23.02 5.14 10.78
C GLN A 210 -23.44 6.20 9.76
N THR A 211 -22.57 7.13 9.37
CA THR A 211 -22.83 7.90 8.14
C THR A 211 -21.73 7.61 7.12
N SER A 212 -20.84 8.57 6.94
CA SER A 212 -19.91 8.60 5.78
C SER A 212 -18.46 8.34 6.20
N VAL A 213 -17.69 7.84 5.25
CA VAL A 213 -16.23 7.71 5.39
C VAL A 213 -15.61 8.42 4.19
N ALA A 214 -14.64 9.26 4.43
CA ALA A 214 -13.95 9.98 3.36
C ALA A 214 -12.45 9.72 3.53
N LEU A 215 -11.86 9.17 2.49
CA LEU A 215 -10.40 8.86 2.43
C LEU A 215 -9.73 9.75 1.41
N GLN A 216 -8.52 10.20 1.71
CA GLN A 216 -7.67 10.93 0.76
C GLN A 216 -6.34 10.19 0.74
N SER A 217 -6.11 9.38 -0.30
CA SER A 217 -4.88 8.55 -0.46
C SER A 217 -4.45 8.03 0.92
N ALA A 218 -5.35 7.33 1.58
CA ALA A 218 -5.23 6.91 2.99
C ALA A 218 -5.05 5.41 3.03
N THR A 219 -4.42 4.95 4.09
CA THR A 219 -4.11 3.54 4.34
C THR A 219 -5.04 3.08 5.46
N VAL A 220 -5.79 2.01 5.25
CA VAL A 220 -6.69 1.45 6.28
C VAL A 220 -6.38 -0.03 6.35
N VAL A 221 -5.73 -0.46 7.41
CA VAL A 221 -5.33 -1.86 7.57
C VAL A 221 -6.19 -2.44 8.66
N GLN A 222 -6.98 -3.46 8.31
CA GLN A 222 -7.91 -4.05 9.29
C GLN A 222 -7.10 -4.77 10.40
N LYS A 223 -7.48 -4.53 11.64
CA LYS A 223 -6.94 -5.21 12.82
C LYS A 223 -8.13 -5.64 13.67
N ALA B 1 12.53 10.57 5.88
CA ALA B 1 13.09 9.33 6.49
C ALA B 1 13.58 8.39 5.39
N GLY B 2 14.58 7.56 5.69
CA GLY B 2 15.21 6.63 4.75
C GLY B 2 16.55 7.14 4.24
N PRO B 3 17.23 6.29 3.46
CA PRO B 3 18.59 6.55 2.98
C PRO B 3 18.54 7.57 1.85
N THR B 4 19.71 8.14 1.54
CA THR B 4 19.84 9.09 0.42
C THR B 4 19.52 8.36 -0.88
N ALA B 5 18.92 9.08 -1.81
CA ALA B 5 18.40 8.55 -3.07
C ALA B 5 19.50 7.90 -3.91
N VAL B 6 19.10 6.95 -4.74
CA VAL B 6 19.94 6.33 -5.80
C VAL B 6 19.52 6.96 -7.11
N PRO B 7 20.22 8.01 -7.57
CA PRO B 7 19.86 8.61 -8.85
C PRO B 7 20.06 7.62 -9.98
N LEU B 8 19.07 7.55 -10.85
CA LEU B 8 19.08 6.59 -11.98
C LEU B 8 19.70 7.29 -13.20
N GLY B 9 19.89 8.59 -13.17
CA GLY B 9 20.30 9.28 -14.41
C GLY B 9 19.39 8.92 -15.56
N THR B 10 19.99 8.68 -16.72
CA THR B 10 19.21 8.44 -17.93
C THR B 10 18.62 7.00 -17.91
N ALA B 11 18.98 6.14 -16.97
CA ALA B 11 18.28 4.83 -16.85
C ALA B 11 16.83 5.14 -16.44
N GLY B 12 16.55 6.30 -15.81
CA GLY B 12 15.18 6.70 -15.44
C GLY B 12 14.33 7.08 -16.63
N ASN B 13 14.86 6.96 -17.84
CA ASN B 13 14.12 7.22 -19.11
C ASN B 13 13.38 5.96 -19.60
N TYR B 14 13.55 4.82 -18.94
CA TYR B 14 13.10 3.48 -19.43
C TYR B 14 12.17 2.84 -18.43
N ALA B 15 11.10 2.19 -18.89
CA ALA B 15 10.36 1.23 -18.05
C ALA B 15 11.22 -0.01 -17.90
N ILE B 16 11.88 -0.42 -18.97
CA ILE B 16 12.78 -1.58 -18.98
C ILE B 16 14.08 -1.19 -19.66
N LEU B 17 15.18 -1.50 -19.02
CA LEU B 17 16.52 -1.36 -19.60
C LEU B 17 17.28 -2.63 -19.31
N ALA B 18 17.83 -3.28 -20.32
CA ALA B 18 18.50 -4.58 -20.15
C ALA B 18 19.75 -4.57 -21.01
N SER B 19 20.63 -5.53 -20.76
CA SER B 19 21.92 -5.62 -21.48
C SER B 19 21.96 -6.82 -22.41
N THR B 20 21.28 -7.93 -22.11
CA THR B 20 21.43 -9.16 -22.92
C THR B 20 20.17 -9.47 -23.71
N ALA B 21 18.97 -9.20 -23.19
CA ALA B 21 17.73 -9.64 -23.85
C ALA B 21 16.51 -9.05 -23.14
N VAL B 22 15.44 -8.82 -23.87
CA VAL B 22 14.09 -8.58 -23.31
C VAL B 22 13.16 -9.46 -24.12
N SER B 23 12.42 -10.35 -23.45
CA SER B 23 11.44 -11.20 -24.13
C SER B 23 10.04 -10.86 -23.60
N THR B 24 9.05 -11.04 -24.43
CA THR B 24 7.63 -10.98 -24.00
C THR B 24 6.85 -12.15 -24.62
N VAL B 25 6.03 -12.81 -23.81
CA VAL B 25 4.89 -13.65 -24.28
C VAL B 25 3.69 -12.73 -24.34
N PRO B 26 3.12 -12.42 -25.53
CA PRO B 26 2.00 -11.50 -25.58
C PRO B 26 0.82 -11.96 -24.73
N GLN B 27 0.02 -11.00 -24.24
CA GLN B 27 0.17 -9.58 -24.50
C GLN B 27 0.65 -8.91 -23.21
N SER B 28 1.89 -8.43 -23.22
CA SER B 28 2.40 -7.57 -22.14
C SER B 28 1.95 -6.14 -22.43
N ALA B 29 2.00 -5.32 -21.40
CA ALA B 29 1.51 -3.93 -21.43
C ALA B 29 2.52 -3.09 -20.71
N ILE B 30 3.38 -2.42 -21.48
CA ILE B 30 4.54 -1.68 -20.91
C ILE B 30 4.25 -0.21 -21.17
N THR B 31 4.22 0.58 -20.13
CA THR B 31 4.13 2.04 -20.26
C THR B 31 5.50 2.64 -19.99
N GLY B 32 6.15 3.05 -21.07
CA GLY B 32 7.50 3.64 -21.07
C GLY B 32 8.37 2.98 -22.11
N ALA B 33 9.63 3.41 -22.19
CA ALA B 33 10.58 2.96 -23.21
C ALA B 33 11.21 1.65 -22.78
N VAL B 34 11.61 0.83 -23.75
CA VAL B 34 12.38 -0.42 -23.55
C VAL B 34 13.69 -0.26 -24.30
N GLY B 35 14.79 -0.37 -23.59
CA GLY B 35 16.15 -0.26 -24.15
C GLY B 35 16.96 -1.53 -23.92
N ILE B 36 17.81 -1.85 -24.88
CA ILE B 36 18.74 -2.98 -24.76
C ILE B 36 20.09 -2.53 -25.31
N SER B 37 21.13 -2.75 -24.53
CA SER B 37 22.51 -2.48 -24.97
C SER B 37 23.45 -3.19 -24.02
N PRO B 38 24.58 -3.73 -24.49
CA PRO B 38 25.02 -3.65 -25.88
C PRO B 38 24.48 -4.75 -26.81
N ALA B 39 23.53 -5.55 -26.37
CA ALA B 39 22.87 -6.54 -27.27
C ALA B 39 21.97 -5.79 -28.27
N ALA B 40 21.81 -6.41 -29.43
CA ALA B 40 21.11 -5.87 -30.60
C ALA B 40 19.60 -6.03 -30.44
N GLY B 41 18.84 -5.43 -31.35
CA GLY B 41 17.37 -5.47 -31.28
C GLY B 41 16.81 -6.85 -31.55
N THR B 42 17.62 -7.75 -32.12
CA THR B 42 17.23 -9.16 -32.36
C THR B 42 17.14 -9.90 -31.02
N PHE B 43 17.56 -9.29 -29.92
CA PHE B 43 17.39 -9.87 -28.56
C PHE B 43 16.18 -9.24 -27.88
N LEU B 44 15.43 -8.38 -28.56
CA LEU B 44 14.04 -8.02 -28.16
C LEU B 44 13.13 -9.00 -28.87
N THR B 45 12.55 -9.98 -28.17
CA THR B 45 11.75 -11.03 -28.83
C THR B 45 10.31 -10.99 -28.32
N GLY B 46 9.34 -11.32 -29.18
CA GLY B 46 7.92 -11.40 -28.87
C GLY B 46 7.17 -10.09 -29.02
N PHE B 47 7.86 -9.04 -29.38
CA PHE B 47 7.28 -7.68 -29.48
C PHE B 47 6.65 -7.41 -30.83
N SER B 48 6.81 -8.27 -31.83
CA SER B 48 6.32 -7.99 -33.21
CA SER B 48 6.38 -7.99 -33.23
C SER B 48 6.71 -6.54 -33.58
N LEU B 49 8.00 -6.23 -33.59
CA LEU B 49 8.52 -4.84 -33.76
C LEU B 49 8.21 -4.29 -35.14
N THR B 50 7.96 -3.00 -35.16
CA THR B 50 7.99 -2.17 -36.38
C THR B 50 9.12 -1.17 -36.22
N MET B 51 10.10 -1.21 -37.11
CA MET B 51 11.14 -0.17 -37.14
C MET B 51 10.52 1.12 -37.69
N SER B 52 10.71 2.20 -36.98
CA SER B 52 10.19 3.54 -37.36
CA SER B 52 10.18 3.54 -37.37
C SER B 52 11.04 4.16 -38.46
N GLY B 53 10.56 5.24 -39.06
CA GLY B 53 11.10 5.73 -40.33
C GLY B 53 12.58 6.06 -40.26
N THR B 54 13.05 6.62 -39.14
CA THR B 54 14.44 7.07 -39.01
C THR B 54 15.38 5.88 -38.90
N GLY B 55 14.86 4.72 -38.51
CA GLY B 55 15.75 3.57 -38.21
C GLY B 55 16.38 3.64 -36.84
N THR B 56 15.96 4.56 -36.00
CA THR B 56 16.64 4.83 -34.69
C THR B 56 15.85 4.16 -33.55
N PHE B 57 14.59 3.83 -33.76
CA PHE B 57 13.75 3.21 -32.69
C PHE B 57 12.64 2.38 -33.32
N SER B 58 12.16 1.38 -32.60
CA SER B 58 11.05 0.53 -33.10
C SER B 58 9.85 0.69 -32.17
N THR B 59 8.72 0.16 -32.61
CA THR B 59 7.48 0.18 -31.83
C THR B 59 6.92 -1.22 -31.69
N SER B 60 6.08 -1.37 -30.68
CA SER B 60 5.34 -2.61 -30.41
C SER B 60 3.96 -2.24 -29.93
N THR B 61 2.96 -3.03 -30.24
CA THR B 61 1.62 -2.79 -29.63
C THR B 61 1.70 -3.07 -28.12
N GLN B 62 2.73 -3.80 -27.66
CA GLN B 62 2.86 -4.13 -26.23
C GLN B 62 3.58 -3.01 -25.45
N VAL B 63 3.91 -1.90 -26.10
CA VAL B 63 4.77 -0.85 -25.49
C VAL B 63 4.25 0.54 -25.85
N THR B 64 3.94 1.31 -24.85
CA THR B 64 3.59 2.73 -25.01
C THR B 64 4.88 3.46 -24.79
N GLY B 65 5.63 3.64 -25.86
CA GLY B 65 6.95 4.28 -25.87
C GLY B 65 7.82 3.61 -26.91
N GLN B 66 9.05 4.07 -27.03
CA GLN B 66 10.03 3.56 -28.04
C GLN B 66 10.78 2.33 -27.53
N LEU B 67 11.08 1.40 -28.44
CA LEU B 67 12.12 0.39 -28.20
C LEU B 67 13.40 0.81 -28.91
N THR B 68 14.50 0.73 -28.21
CA THR B 68 15.83 1.06 -28.77
C THR B 68 16.81 -0.06 -28.47
N ALA B 69 17.79 -0.21 -29.35
CA ALA B 69 18.85 -1.24 -29.23
C ALA B 69 20.15 -0.66 -29.74
N ALA B 70 21.23 -1.34 -29.37
CA ALA B 70 22.61 -0.94 -29.55
C ALA B 70 23.03 -0.95 -31.03
N ASP B 71 22.28 -1.62 -31.90
CA ASP B 71 22.58 -1.75 -33.34
C ASP B 71 21.71 -0.78 -34.13
N TYR B 72 20.88 0.02 -33.48
CA TYR B 72 19.93 0.92 -34.17
C TYR B 72 20.72 2.13 -34.69
N GLY B 73 20.07 2.94 -35.49
CA GLY B 73 20.72 4.06 -36.19
C GLY B 73 21.21 5.10 -35.20
N THR B 74 22.32 5.77 -35.55
CA THR B 74 22.82 6.95 -34.79
C THR B 74 21.66 7.93 -34.56
N PRO B 75 21.51 8.56 -33.37
CA PRO B 75 22.40 8.41 -32.20
C PRO B 75 21.99 7.39 -31.13
N THR B 76 21.10 6.46 -31.46
CA THR B 76 20.53 5.51 -30.46
C THR B 76 21.64 4.74 -29.74
N PRO B 77 22.68 4.18 -30.41
CA PRO B 77 23.65 3.39 -29.65
C PRO B 77 24.36 4.26 -28.60
N SER B 78 24.60 5.54 -28.87
CA SER B 78 25.28 6.46 -27.92
C SER B 78 24.37 6.72 -26.73
N ILE B 79 23.08 6.93 -26.99
CA ILE B 79 22.07 7.14 -25.92
C ILE B 79 22.13 5.93 -25.00
N LEU B 80 22.13 4.75 -25.58
CA LEU B 80 22.04 3.52 -24.77
C LEU B 80 23.34 3.34 -23.98
N THR B 81 24.48 3.71 -24.54
CA THR B 81 25.75 3.62 -23.79
C THR B 81 25.57 4.39 -22.49
N THR B 82 25.04 5.62 -22.59
CA THR B 82 24.95 6.46 -21.39
C THR B 82 23.91 5.89 -20.40
N ALA B 83 22.80 5.36 -20.90
CA ALA B 83 21.74 4.71 -20.06
C ALA B 83 22.33 3.52 -19.33
N ILE B 84 23.05 2.65 -20.03
CA ILE B 84 23.67 1.44 -19.41
C ILE B 84 24.67 1.90 -18.35
N GLY B 85 25.45 2.95 -18.64
CA GLY B 85 26.42 3.46 -17.67
C GLY B 85 25.71 3.98 -16.44
N ASP B 86 24.61 4.71 -16.64
CA ASP B 86 23.84 5.31 -15.53
C ASP B 86 23.19 4.18 -14.71
N MET B 87 22.73 3.12 -15.34
CA MET B 87 22.18 1.97 -14.61
C MET B 87 23.30 1.34 -13.76
N GLY B 88 24.52 1.17 -14.32
CA GLY B 88 25.60 0.49 -13.59
C GLY B 88 26.00 1.32 -12.39
N THR B 89 26.08 2.64 -12.58
CA THR B 89 26.41 3.60 -11.50
C THR B 89 25.36 3.45 -10.39
N ALA B 90 24.10 3.33 -10.77
CA ALA B 90 22.99 3.38 -9.79
C ALA B 90 23.04 2.06 -8.99
N TYR B 91 23.22 0.94 -9.66
CA TYR B 91 23.28 -0.37 -9.00
C TYR B 91 24.41 -0.31 -7.95
N THR B 92 25.59 0.11 -8.36
CA THR B 92 26.75 0.10 -7.45
C THR B 92 26.50 1.05 -6.27
N ASN B 93 25.94 2.22 -6.55
CA ASN B 93 25.57 3.20 -5.50
C ASN B 93 24.72 2.46 -4.47
N GLY B 94 23.64 1.83 -4.89
CA GLY B 94 22.70 1.22 -3.94
C GLY B 94 23.30 -0.03 -3.30
N ALA B 95 24.10 -0.79 -4.03
CA ALA B 95 24.68 -2.04 -3.48
C ALA B 95 25.78 -1.73 -2.44
N THR B 96 26.47 -0.60 -2.51
CA THR B 96 27.65 -0.36 -1.65
C THR B 96 27.28 0.48 -0.43
N ARG B 97 26.03 0.92 -0.30
CA ARG B 97 25.66 1.72 0.90
C ARG B 97 25.94 0.92 2.15
N SER B 98 26.53 1.59 3.12
CA SER B 98 26.87 0.97 4.42
C SER B 98 25.85 1.41 5.46
N GLY B 99 25.84 0.71 6.58
CA GLY B 99 25.18 1.14 7.82
C GLY B 99 23.68 0.97 7.70
N PRO B 100 23.23 -0.27 7.46
CA PRO B 100 21.82 -0.51 7.24
C PRO B 100 21.02 -0.28 8.52
N ASP B 101 19.80 0.15 8.31
CA ASP B 101 18.77 0.35 9.37
C ASP B 101 18.16 -0.99 9.78
N PHE B 102 18.23 -1.98 8.89
CA PHE B 102 17.65 -3.33 9.14
C PHE B 102 18.65 -4.33 8.57
N LEU B 103 18.90 -5.42 9.31
CA LEU B 103 19.89 -6.42 8.89
C LEU B 103 19.27 -7.81 9.04
N GLU B 104 19.10 -8.53 7.94
CA GLU B 104 18.51 -9.89 7.91
C GLU B 104 17.07 -9.84 8.44
N ILE B 105 16.40 -8.75 8.24
CA ILE B 105 15.06 -8.54 8.91
C ILE B 105 14.10 -9.64 8.42
N TYR B 106 13.46 -10.34 9.35
CA TYR B 106 12.48 -11.42 9.11
C TYR B 106 13.10 -12.52 8.25
N THR B 107 14.43 -12.64 8.25
CA THR B 107 15.13 -13.65 7.43
C THR B 107 14.77 -13.47 5.96
N GLY B 108 14.44 -12.24 5.56
CA GLY B 108 14.07 -11.99 4.16
C GLY B 108 12.69 -12.47 3.78
N ALA B 109 11.83 -12.86 4.73
CA ALA B 109 10.44 -13.29 4.47
C ALA B 109 9.54 -12.09 4.73
N LEU B 110 9.16 -11.39 3.68
CA LEU B 110 8.52 -10.08 3.83
C LEU B 110 7.00 -10.27 3.87
N GLY B 111 6.47 -11.47 3.72
CA GLY B 111 5.02 -11.70 3.78
C GLY B 111 4.42 -11.05 5.04
N GLY B 112 3.34 -10.25 4.92
CA GLY B 112 2.60 -9.77 6.09
C GLY B 112 3.27 -8.59 6.77
N THR B 113 4.38 -8.07 6.24
CA THR B 113 5.15 -6.95 6.87
C THR B 113 4.63 -5.59 6.39
N THR B 114 4.99 -4.57 7.14
CA THR B 114 4.80 -3.13 6.83
C THR B 114 6.18 -2.51 6.98
N LEU B 115 6.88 -2.25 5.86
CA LEU B 115 8.31 -1.91 5.88
C LEU B 115 8.46 -0.39 5.94
N LEU B 116 9.04 0.05 7.03
CA LEU B 116 9.29 1.47 7.30
C LEU B 116 10.47 1.90 6.47
N PRO B 117 10.60 3.22 6.22
CA PRO B 117 11.73 3.70 5.45
C PRO B 117 13.08 3.29 6.05
N GLY B 118 14.03 2.97 5.17
CA GLY B 118 15.38 2.68 5.63
C GLY B 118 16.19 1.96 4.58
N LEU B 119 17.46 1.74 4.92
CA LEU B 119 18.42 0.89 4.17
C LEU B 119 18.34 -0.50 4.80
N TYR B 120 17.89 -1.43 4.00
CA TYR B 120 17.72 -2.84 4.40
C TYR B 120 18.82 -3.67 3.77
N LYS B 121 19.49 -4.49 4.55
CA LYS B 121 20.53 -5.39 4.01
C LYS B 121 20.15 -6.81 4.35
N TRP B 122 20.11 -7.65 3.33
CA TRP B 122 20.00 -9.10 3.53
C TRP B 122 21.20 -9.78 2.86
N THR B 123 21.88 -10.68 3.57
CA THR B 123 23.01 -11.48 3.03
C THR B 123 22.41 -12.78 2.50
N SER B 124 21.19 -12.66 1.98
CA SER B 124 20.33 -13.82 1.70
C SER B 124 19.47 -13.54 0.48
N SER B 125 18.78 -14.56 0.04
CA SER B 125 17.56 -14.41 -0.78
C SER B 125 16.48 -13.70 0.04
N VAL B 126 15.55 -13.08 -0.67
CA VAL B 126 14.41 -12.36 -0.08
C VAL B 126 13.19 -12.74 -0.90
N GLY B 127 12.06 -12.91 -0.22
CA GLY B 127 10.83 -13.25 -0.94
C GLY B 127 9.64 -12.79 -0.13
N ALA B 128 8.47 -13.02 -0.64
CA ALA B 128 7.22 -12.71 0.08
C ALA B 128 6.20 -13.74 -0.36
N SER B 129 5.68 -14.53 0.57
CA SER B 129 4.68 -15.59 0.31
C SER B 129 3.28 -15.03 0.58
N ALA B 130 3.20 -13.77 1.00
CA ALA B 130 1.93 -13.10 1.33
C ALA B 130 2.07 -11.64 0.96
N ASP B 131 0.94 -10.98 0.78
CA ASP B 131 0.98 -9.53 0.51
C ASP B 131 1.83 -8.83 1.57
N PHE B 132 2.39 -7.69 1.23
CA PHE B 132 3.04 -6.84 2.24
C PHE B 132 2.93 -5.41 1.78
N THR B 133 3.32 -4.52 2.68
CA THR B 133 3.13 -3.08 2.53
C THR B 133 4.47 -2.40 2.74
N ILE B 134 4.65 -1.32 2.00
CA ILE B 134 5.73 -0.35 2.18
C ILE B 134 5.08 0.96 2.57
N SER B 135 5.39 1.43 3.77
CA SER B 135 4.66 2.51 4.46
C SER B 135 5.60 3.67 4.74
N GLY B 136 5.31 4.83 4.17
CA GLY B 136 6.09 6.04 4.41
C GLY B 136 5.49 7.19 3.63
N THR B 137 5.99 8.38 3.86
CA THR B 137 5.46 9.58 3.18
C THR B 137 5.90 9.57 1.73
N SER B 138 5.36 10.50 0.97
CA SER B 138 5.71 10.73 -0.46
C SER B 138 7.17 11.15 -0.60
N THR B 139 7.87 11.49 0.49
CA THR B 139 9.30 11.88 0.38
C THR B 139 10.19 10.85 1.08
N ASP B 140 9.64 9.76 1.62
CA ASP B 140 10.49 8.77 2.32
C ASP B 140 11.15 7.85 1.26
N THR B 141 12.25 7.21 1.64
CA THR B 141 13.02 6.36 0.72
C THR B 141 13.25 5.00 1.37
N TRP B 142 13.35 4.00 0.51
CA TRP B 142 13.71 2.60 0.86
C TRP B 142 14.81 2.18 -0.10
N ILE B 143 15.84 1.51 0.41
CA ILE B 143 16.82 0.77 -0.43
C ILE B 143 16.89 -0.63 0.15
N PHE B 144 16.59 -1.59 -0.69
CA PHE B 144 16.53 -3.03 -0.34
C PHE B 144 17.73 -3.70 -0.98
N GLN B 145 18.78 -3.93 -0.19
CA GLN B 145 20.05 -4.53 -0.64
C GLN B 145 19.91 -6.04 -0.47
N ILE B 146 19.83 -6.73 -1.57
CA ILE B 146 19.57 -8.20 -1.53
C ILE B 146 20.74 -8.95 -2.17
N ASP B 147 21.45 -9.75 -1.38
CA ASP B 147 22.65 -10.44 -1.90
C ASP B 147 22.24 -11.68 -2.72
N GLY B 148 21.07 -12.23 -2.45
CA GLY B 148 20.58 -13.44 -3.14
C GLY B 148 19.53 -13.09 -4.17
N THR B 149 18.64 -14.03 -4.39
CA THR B 149 17.47 -13.82 -5.28
C THR B 149 16.36 -13.01 -4.63
N LEU B 150 15.47 -12.42 -5.43
CA LEU B 150 14.23 -11.78 -4.94
C LEU B 150 13.07 -12.46 -5.61
N GLY B 151 12.04 -12.76 -4.83
CA GLY B 151 10.82 -13.28 -5.40
C GLY B 151 9.63 -12.57 -4.82
N LEU B 152 8.51 -12.74 -5.49
CA LEU B 152 7.17 -12.35 -4.99
C LEU B 152 6.21 -13.44 -5.46
N ALA B 153 5.59 -14.11 -4.50
CA ALA B 153 4.85 -15.35 -4.78
C ALA B 153 3.60 -15.04 -5.62
N ALA B 154 3.08 -16.07 -6.26
CA ALA B 154 1.98 -15.96 -7.22
C ALA B 154 0.78 -15.25 -6.55
N GLY B 155 0.26 -14.27 -7.24
CA GLY B 155 -0.94 -13.53 -6.82
C GLY B 155 -0.72 -12.56 -5.65
N LYS B 156 0.48 -12.44 -5.13
CA LYS B 156 0.74 -11.61 -3.93
C LYS B 156 1.08 -10.19 -4.34
N LYS B 157 0.76 -9.23 -3.49
CA LYS B 157 0.83 -7.79 -3.84
C LYS B 157 1.62 -7.00 -2.80
N ILE B 158 2.41 -6.09 -3.31
CA ILE B 158 3.06 -4.99 -2.55
C ILE B 158 2.14 -3.79 -2.60
N THR B 159 1.70 -3.37 -1.44
CA THR B 159 0.85 -2.18 -1.26
C THR B 159 1.79 -1.03 -0.89
N LEU B 160 1.54 0.14 -1.44
CA LEU B 160 2.12 1.40 -0.94
C LEU B 160 1.15 2.09 0.01
N ALA B 161 1.63 2.34 1.23
CA ALA B 161 0.86 2.93 2.33
C ALA B 161 1.50 4.29 2.67
N GLY B 162 0.70 5.24 3.14
CA GLY B 162 1.22 6.46 3.80
C GLY B 162 1.68 7.53 2.85
N GLY B 163 1.54 7.32 1.54
CA GLY B 163 2.08 8.25 0.53
C GLY B 163 3.33 7.70 -0.16
N ALA B 164 3.74 6.50 0.20
CA ALA B 164 5.01 5.89 -0.35
C ALA B 164 4.90 5.92 -1.86
N GLN B 165 6.00 6.24 -2.53
CA GLN B 165 6.02 6.25 -4.00
C GLN B 165 6.96 5.16 -4.52
N ALA B 166 6.56 4.53 -5.60
CA ALA B 166 7.35 3.42 -6.19
C ALA B 166 8.73 3.99 -6.60
N LYS B 167 8.77 5.24 -7.06
CA LYS B 167 10.02 5.80 -7.59
C LYS B 167 11.00 6.07 -6.45
N ASN B 168 10.57 5.92 -5.20
CA ASN B 168 11.45 6.15 -4.04
C ASN B 168 11.81 4.84 -3.41
N ILE B 169 11.48 3.73 -4.04
CA ILE B 169 11.74 2.38 -3.55
C ILE B 169 12.75 1.72 -4.48
N ILE B 170 13.94 1.42 -4.00
CA ILE B 170 14.98 0.82 -4.86
C ILE B 170 15.27 -0.58 -4.37
N TRP B 171 15.02 -1.54 -5.22
CA TRP B 171 15.41 -2.94 -4.96
C TRP B 171 16.76 -3.18 -5.66
N VAL B 172 17.81 -3.39 -4.90
CA VAL B 172 19.17 -3.55 -5.47
C VAL B 172 19.53 -5.02 -5.33
N VAL B 173 19.41 -5.80 -6.39
CA VAL B 173 19.33 -7.28 -6.26
C VAL B 173 20.46 -7.95 -7.02
N ALA B 174 21.32 -8.66 -6.32
CA ALA B 174 22.49 -9.31 -6.98
C ALA B 174 22.00 -10.58 -7.69
N GLY B 175 21.15 -11.38 -7.07
CA GLY B 175 20.62 -12.62 -7.68
C GLY B 175 19.46 -12.36 -8.62
N ALA B 176 18.95 -13.41 -9.23
CA ALA B 176 17.81 -13.32 -10.16
C ALA B 176 16.58 -12.82 -9.41
N VAL B 177 15.70 -12.10 -10.11
CA VAL B 177 14.41 -11.59 -9.63
C VAL B 177 13.33 -12.38 -10.35
N SER B 178 12.40 -13.00 -9.62
CA SER B 178 11.29 -13.76 -10.24
CA SER B 178 11.29 -13.79 -10.21
C SER B 178 9.98 -13.34 -9.57
N ILE B 179 9.18 -12.62 -10.33
CA ILE B 179 7.85 -12.15 -9.90
C ILE B 179 6.85 -13.13 -10.49
N GLU B 180 6.19 -13.92 -9.65
CA GLU B 180 5.42 -15.11 -10.05
C GLU B 180 4.09 -14.65 -10.65
N ALA B 181 3.39 -15.59 -11.27
CA ALA B 181 2.15 -15.33 -12.04
C ALA B 181 1.17 -14.52 -11.18
N GLY B 182 0.66 -13.40 -11.71
CA GLY B 182 -0.42 -12.64 -11.05
C GLY B 182 0.09 -11.80 -9.89
N ALA B 183 1.39 -11.79 -9.59
CA ALA B 183 1.96 -11.02 -8.47
C ALA B 183 1.98 -9.53 -8.90
N GLN B 184 1.99 -8.63 -7.95
CA GLN B 184 1.88 -7.16 -8.20
C GLN B 184 2.99 -6.45 -7.44
N PHE B 185 4.01 -5.98 -8.15
CA PHE B 185 5.29 -5.53 -7.54
C PHE B 185 5.29 -4.01 -7.58
N GLU B 186 5.99 -3.42 -6.63
CA GLU B 186 6.16 -1.96 -6.53
C GLU B 186 7.64 -1.64 -6.31
N GLY B 187 8.17 -0.68 -7.10
CA GLY B 187 9.52 -0.12 -6.95
C GLY B 187 10.40 -0.33 -8.15
N VAL B 188 11.52 0.35 -8.09
CA VAL B 188 12.58 0.30 -9.10
C VAL B 188 13.46 -0.90 -8.80
N ILE B 189 13.63 -1.78 -9.76
CA ILE B 189 14.56 -2.91 -9.64
C ILE B 189 15.86 -2.58 -10.34
N LEU B 190 16.95 -2.49 -9.58
CA LEU B 190 18.34 -2.52 -10.11
C LEU B 190 18.87 -3.93 -9.95
N ALA B 191 18.79 -4.69 -11.01
CA ALA B 191 19.12 -6.12 -11.04
C ALA B 191 20.52 -6.29 -11.58
N LYS B 192 21.33 -7.08 -10.92
CA LYS B 192 22.68 -7.41 -11.44
C LYS B 192 22.53 -8.44 -12.54
N THR B 193 21.50 -9.30 -12.45
CA THR B 193 21.31 -10.42 -13.39
C THR B 193 19.87 -10.34 -13.88
N ALA B 194 19.20 -11.47 -13.98
CA ALA B 194 17.97 -11.58 -14.76
C ALA B 194 16.81 -11.06 -13.91
N VAL B 195 15.76 -10.64 -14.59
CA VAL B 195 14.43 -10.37 -13.98
C VAL B 195 13.40 -11.13 -14.80
N THR B 196 12.42 -11.72 -14.14
CA THR B 196 11.30 -12.40 -14.79
C THR B 196 9.98 -11.98 -14.12
N LEU B 197 9.02 -11.62 -14.96
CA LEU B 197 7.62 -11.32 -14.57
C LEU B 197 6.77 -12.39 -15.25
N LYS B 198 6.18 -13.27 -14.46
CA LYS B 198 5.45 -14.41 -15.03
C LYS B 198 4.01 -13.99 -15.35
N THR B 199 3.29 -14.89 -15.99
CA THR B 199 1.96 -14.66 -16.60
C THR B 199 1.09 -13.72 -15.75
N GLY B 200 0.67 -12.61 -16.31
CA GLY B 200 -0.34 -11.74 -15.70
C GLY B 200 0.17 -11.00 -14.48
N SER B 201 1.46 -11.03 -14.20
CA SER B 201 2.06 -10.21 -13.13
C SER B 201 2.18 -8.75 -13.56
N SER B 202 2.39 -7.89 -12.58
CA SER B 202 2.53 -6.44 -12.84
C SER B 202 3.61 -5.83 -11.97
N LEU B 203 4.12 -4.71 -12.45
CA LEU B 203 5.14 -3.95 -11.73
C LEU B 203 4.95 -2.48 -12.00
N ASN B 204 4.83 -1.69 -10.95
CA ASN B 204 4.85 -0.21 -10.99
C ASN B 204 6.25 0.20 -10.51
N GLY B 205 7.04 0.81 -11.39
CA GLY B 205 8.47 1.04 -11.14
C GLY B 205 9.21 0.99 -12.44
N ARG B 206 10.40 0.45 -12.35
CA ARG B 206 11.23 0.24 -13.55
C ARG B 206 11.96 -1.08 -13.37
N ILE B 207 12.35 -1.67 -14.47
CA ILE B 207 13.19 -2.89 -14.48
C ILE B 207 14.49 -2.50 -15.15
N LEU B 208 15.55 -2.42 -14.41
CA LEU B 208 16.89 -2.00 -14.90
C LEU B 208 17.86 -3.13 -14.62
N ALA B 209 18.01 -4.03 -15.57
CA ALA B 209 18.66 -5.33 -15.39
C ALA B 209 19.97 -5.34 -16.17
N GLN B 210 21.02 -5.88 -15.60
CA GLN B 210 22.33 -5.93 -16.27
C GLN B 210 22.48 -7.20 -17.09
N THR B 211 21.50 -8.12 -17.06
CA THR B 211 21.42 -9.20 -18.09
C THR B 211 20.07 -9.10 -18.79
N SER B 212 19.15 -10.00 -18.46
CA SER B 212 17.93 -10.22 -19.27
C SER B 212 16.68 -9.82 -18.49
N VAL B 213 15.63 -9.43 -19.21
CA VAL B 213 14.26 -9.26 -18.66
C VAL B 213 13.35 -10.20 -19.44
N ALA B 214 12.54 -10.96 -18.76
CA ALA B 214 11.60 -11.92 -19.37
C ALA B 214 10.20 -11.59 -18.86
N LEU B 215 9.31 -11.23 -19.75
CA LEU B 215 7.92 -10.86 -19.42
C LEU B 215 7.00 -11.97 -19.93
N GLN B 216 6.00 -12.35 -19.15
CA GLN B 216 4.93 -13.21 -19.67
C GLN B 216 3.60 -12.50 -19.47
N SER B 217 2.99 -12.01 -20.55
CA SER B 217 1.76 -11.17 -20.52
C SER B 217 1.74 -10.30 -19.25
N ALA B 218 2.76 -9.47 -19.08
CA ALA B 218 3.03 -8.72 -17.84
C ALA B 218 2.78 -7.24 -18.06
N THR B 219 2.31 -6.58 -17.02
CA THR B 219 2.05 -5.13 -17.06
C THR B 219 3.20 -4.44 -16.34
N VAL B 220 3.88 -3.52 -17.02
CA VAL B 220 4.95 -2.66 -16.45
C VAL B 220 4.55 -1.20 -16.64
N VAL B 221 4.36 -0.46 -15.56
CA VAL B 221 3.98 0.97 -15.63
C VAL B 221 5.13 1.73 -15.01
N GLN B 222 5.86 2.47 -15.81
CA GLN B 222 6.99 3.25 -15.28
C GLN B 222 6.48 4.16 -14.16
N LYS B 223 7.24 4.21 -13.07
CA LYS B 223 7.11 5.22 -12.01
C LYS B 223 8.50 5.79 -11.69
S SO4 C . -14.37 6.50 -10.24
O1 SO4 C . -14.95 7.80 -10.13
O2 SO4 C . -13.95 5.99 -8.98
O3 SO4 C . -15.31 5.56 -10.87
O4 SO4 C . -13.19 6.64 -11.10
S SO4 D . -9.20 0.06 -12.78
O1 SO4 D . -8.83 0.85 -11.59
O2 SO4 D . -9.41 -1.32 -12.39
O3 SO4 D . -10.42 0.55 -13.43
O4 SO4 D . -8.08 0.15 -13.71
S SO4 E . 1.97 -5.65 -35.32
O1 SO4 E . 2.13 -4.20 -35.27
O2 SO4 E . 2.01 -6.20 -33.96
O3 SO4 E . 0.67 -5.95 -35.87
O4 SO4 E . 3.00 -6.26 -36.15
S SO4 F . 8.57 -11.70 -32.76
O1 SO4 F . 7.73 -10.82 -32.02
O2 SO4 F . 9.85 -11.95 -31.99
O3 SO4 F . 7.92 -12.96 -32.98
O4 SO4 F . 8.89 -11.08 -34.05
S SO4 G . 15.80 7.82 9.22
O1 SO4 G . 14.55 7.23 9.64
O2 SO4 G . 16.82 7.49 10.20
O3 SO4 G . 15.67 9.24 9.13
O4 SO4 G . 16.20 7.30 7.95
S SO4 H . 29.30 9.68 -29.20
O1 SO4 H . 30.30 10.51 -28.63
O2 SO4 H . 29.52 8.30 -28.73
O3 SO4 H . 27.98 10.11 -28.77
O4 SO4 H . 29.39 9.73 -30.64
#